data_8RYG
#
_entry.id   8RYG
#
_cell.length_a   60.010
_cell.length_b   77.600
_cell.length_c   84.390
_cell.angle_alpha   90.00
_cell.angle_beta   90.00
_cell.angle_gamma   90.00
#
_symmetry.space_group_name_H-M   'P 21 21 2'
#
loop_
_entity.id
_entity.type
_entity.pdbx_description
1 polymer 'Methyltransferase domain-containing protein'
2 non-polymer S-ADENOSYL-L-HOMOCYSTEINE
3 non-polymer 'PHOSPHATE ION'
4 water water
#
_entity_poly.entity_id   1
_entity_poly.type   'polypeptide(L)'
_entity_poly.pdbx_seq_one_letter_code
;STLDFYAQGQGDRLIDPARFPAEIKAFLEGERVLLDSVAEHVELLVEVGSMHGQHLGWAIARGKHYIGVDPVPRYIEQGR
RTLREQGLPAERFRFIEGGAEELHQLLPRHALAVPPSRCLLFFPFNSFGNMRDPERVLESLSMTGLPFLISSYATTERAT
QARAAYYAQCQYEWLESACDERGVRFRAPEGFDAMAYHVEYLEPRMRRYGLEVRPIPFADVGVAWCAGPMFEPWRP
;
_entity_poly.pdbx_strand_id   A,B
#
# COMPACT_ATOMS: atom_id res chain seq x y z
N SER A 1 8.42 -3.54 27.72
CA SER A 1 7.21 -4.19 28.31
C SER A 1 7.55 -5.62 28.73
N THR A 2 6.70 -6.20 29.58
CA THR A 2 6.80 -7.58 30.13
C THR A 2 6.44 -8.58 29.02
N LEU A 3 6.95 -9.80 29.12
CA LEU A 3 6.55 -10.95 28.25
C LEU A 3 5.09 -11.33 28.57
N ASP A 4 4.77 -11.46 29.86
CA ASP A 4 3.40 -11.71 30.41
C ASP A 4 2.38 -10.72 29.83
N PHE A 5 2.75 -9.44 29.69
CA PHE A 5 1.90 -8.37 29.11
C PHE A 5 1.29 -8.84 27.78
N TYR A 6 2.13 -9.38 26.89
CA TYR A 6 1.73 -9.87 25.54
C TYR A 6 1.12 -11.28 25.66
N ALA A 7 1.75 -12.16 26.44
CA ALA A 7 1.34 -13.57 26.61
C ALA A 7 -0.12 -13.65 27.07
N GLN A 8 -0.53 -12.78 28.00
CA GLN A 8 -1.87 -12.78 28.64
C GLN A 8 -2.89 -12.00 27.81
N GLY A 9 -2.46 -11.35 26.71
CA GLY A 9 -3.36 -10.78 25.69
C GLY A 9 -3.50 -9.27 25.80
N GLN A 10 -3.09 -8.67 26.93
CA GLN A 10 -3.18 -7.20 27.17
C GLN A 10 -2.45 -6.45 26.05
N GLY A 11 -1.30 -6.97 25.62
CA GLY A 11 -0.44 -6.39 24.57
C GLY A 11 -1.07 -6.40 23.18
N ASP A 12 -2.07 -7.25 22.94
CA ASP A 12 -2.79 -7.37 21.64
C ASP A 12 -3.40 -6.01 21.25
N ARG A 13 -3.83 -5.23 22.24
CA ARG A 13 -4.57 -3.95 22.04
C ARG A 13 -3.70 -2.98 21.21
N LEU A 14 -2.38 -3.13 21.25
CA LEU A 14 -1.42 -2.21 20.59
C LEU A 14 -1.39 -2.40 19.07
N ILE A 15 -1.98 -3.46 18.51
CA ILE A 15 -2.11 -3.65 17.04
C ILE A 15 -3.58 -3.77 16.63
N ASP A 16 -4.51 -3.37 17.50
CA ASP A 16 -5.94 -3.23 17.16
C ASP A 16 -6.11 -1.95 16.35
N PRO A 17 -6.43 -2.03 15.04
CA PRO A 17 -6.54 -0.83 14.19
C PRO A 17 -7.59 0.18 14.66
N ALA A 18 -8.63 -0.29 15.37
CA ALA A 18 -9.70 0.53 15.97
C ALA A 18 -9.12 1.49 17.03
N ARG A 19 -7.89 1.26 17.49
CA ARG A 19 -7.25 2.03 18.59
C ARG A 19 -6.16 2.97 18.04
N PHE A 20 -6.03 3.10 16.71
CA PHE A 20 -5.02 3.96 16.05
C PHE A 20 -5.64 5.33 15.77
N PRO A 21 -5.18 6.42 16.44
CA PRO A 21 -5.59 7.76 16.04
C PRO A 21 -4.87 8.15 14.74
N ALA A 22 -5.26 9.28 14.15
CA ALA A 22 -4.79 9.78 12.83
C ALA A 22 -3.26 9.84 12.78
N GLU A 23 -2.62 10.43 13.80
CA GLU A 23 -1.16 10.68 13.84
C GLU A 23 -0.41 9.35 13.78
N ILE A 24 -0.96 8.29 14.40
CA ILE A 24 -0.34 6.93 14.44
C ILE A 24 -0.60 6.19 13.12
N LYS A 25 -1.79 6.34 12.52
CA LYS A 25 -2.08 5.80 11.16
C LYS A 25 -1.06 6.41 10.18
N ALA A 26 -0.87 7.72 10.25
CA ALA A 26 0.09 8.48 9.41
C ALA A 26 1.50 7.92 9.65
N PHE A 27 1.85 7.67 10.92
CA PHE A 27 3.14 7.07 11.34
C PHE A 27 3.35 5.75 10.60
N LEU A 28 2.36 4.86 10.65
CA LEU A 28 2.44 3.49 10.07
C LEU A 28 2.57 3.57 8.54
N GLU A 29 1.88 4.52 7.90
CA GLU A 29 2.00 4.78 6.44
C GLU A 29 3.43 5.22 6.13
N GLY A 30 3.94 6.23 6.85
CA GLY A 30 5.32 6.75 6.72
C GLY A 30 6.36 5.65 6.92
N GLU A 31 6.15 4.78 7.91
CA GLU A 31 7.00 3.59 8.20
C GLU A 31 7.14 2.76 6.92
N ARG A 32 6.02 2.52 6.22
CA ARG A 32 5.96 1.66 5.01
C ARG A 32 6.62 2.37 3.82
N VAL A 33 6.55 3.70 3.75
CA VAL A 33 7.16 4.50 2.64
C VAL A 33 8.68 4.38 2.73
N LEU A 34 9.26 4.47 3.93
CA LEU A 34 10.72 4.30 4.17
C LEU A 34 11.15 2.88 3.80
N LEU A 35 10.34 1.88 4.15
CA LEU A 35 10.62 0.46 3.84
C LEU A 35 10.62 0.25 2.33
N ASP A 36 9.59 0.75 1.65
CA ASP A 36 9.43 0.73 0.18
C ASP A 36 10.65 1.39 -0.48
N SER A 37 11.12 2.51 0.06
CA SER A 37 12.17 3.38 -0.55
C SER A 37 13.52 2.66 -0.64
N VAL A 38 13.71 1.57 0.10
CA VAL A 38 14.98 0.75 0.09
C VAL A 38 14.68 -0.69 -0.35
N ALA A 39 13.44 -0.99 -0.77
CA ALA A 39 12.94 -2.35 -1.07
C ALA A 39 13.85 -3.07 -2.08
N GLU A 40 14.43 -2.34 -3.02
CA GLU A 40 15.27 -2.88 -4.12
C GLU A 40 16.64 -3.34 -3.57
N HIS A 41 16.99 -2.96 -2.33
CA HIS A 41 18.25 -3.37 -1.64
C HIS A 41 17.99 -4.45 -0.60
N VAL A 42 16.75 -4.98 -0.51
CA VAL A 42 16.35 -5.98 0.51
C VAL A 42 15.99 -7.28 -0.22
N GLU A 43 16.70 -8.37 0.11
CA GLU A 43 16.35 -9.76 -0.32
C GLU A 43 15.78 -10.52 0.88
N LEU A 44 16.22 -10.19 2.10
CA LEU A 44 15.75 -10.80 3.38
C LEU A 44 15.29 -9.71 4.33
N LEU A 45 13.99 -9.68 4.65
CA LEU A 45 13.42 -8.84 5.74
C LEU A 45 13.37 -9.69 7.00
N VAL A 46 14.12 -9.30 8.04
CA VAL A 46 14.02 -9.87 9.40
C VAL A 46 13.18 -8.89 10.23
N GLU A 47 11.92 -9.24 10.49
CA GLU A 47 11.00 -8.42 11.32
C GLU A 47 11.29 -8.71 12.80
N VAL A 48 11.92 -7.77 13.50
CA VAL A 48 12.32 -7.91 14.93
C VAL A 48 11.22 -7.28 15.80
N GLY A 49 10.49 -8.10 16.56
CA GLY A 49 9.20 -7.72 17.18
C GLY A 49 8.08 -7.88 16.18
N SER A 50 8.03 -9.05 15.53
CA SER A 50 7.17 -9.37 14.36
C SER A 50 5.70 -9.55 14.77
N MET A 51 5.46 -9.96 16.02
CA MET A 51 4.14 -10.50 16.47
C MET A 51 3.75 -11.62 15.50
N HIS A 52 2.48 -11.69 15.07
CA HIS A 52 1.95 -12.70 14.12
C HIS A 52 2.59 -12.54 12.72
N GLY A 53 3.28 -11.43 12.48
CA GLY A 53 3.98 -11.12 11.20
C GLY A 53 3.32 -9.96 10.48
N GLN A 54 3.54 -8.74 10.97
CA GLN A 54 2.83 -7.52 10.50
C GLN A 54 3.26 -7.17 9.07
N HIS A 55 4.47 -7.55 8.66
CA HIS A 55 5.07 -7.19 7.34
C HIS A 55 5.40 -8.45 6.53
N LEU A 56 4.81 -9.58 6.91
CA LEU A 56 4.86 -10.86 6.15
C LEU A 56 4.22 -10.67 4.77
N GLY A 57 3.03 -10.05 4.74
CA GLY A 57 2.28 -9.74 3.50
C GLY A 57 3.11 -8.90 2.55
N TRP A 58 3.85 -7.93 3.08
CA TRP A 58 4.81 -7.07 2.33
C TRP A 58 5.85 -7.95 1.62
N ALA A 59 6.49 -8.84 2.37
CA ALA A 59 7.56 -9.75 1.89
C ALA A 59 6.99 -10.74 0.85
N ILE A 60 5.83 -11.34 1.13
CA ILE A 60 5.13 -12.27 0.18
C ILE A 60 4.90 -11.53 -1.13
N ALA A 61 4.28 -10.35 -1.08
CA ALA A 61 3.92 -9.52 -2.24
C ALA A 61 5.17 -9.18 -3.05
N ARG A 62 6.26 -8.80 -2.39
CA ARG A 62 7.49 -8.28 -3.04
C ARG A 62 8.49 -9.40 -3.35
N GLY A 63 8.14 -10.66 -3.07
CA GLY A 63 8.98 -11.83 -3.37
C GLY A 63 10.27 -11.83 -2.56
N LYS A 64 10.25 -11.25 -1.36
CA LYS A 64 11.40 -11.23 -0.41
C LYS A 64 11.38 -12.49 0.46
N HIS A 65 12.55 -12.94 0.90
CA HIS A 65 12.71 -13.89 2.03
C HIS A 65 12.27 -13.17 3.31
N TYR A 66 11.71 -13.91 4.27
CA TYR A 66 11.14 -13.35 5.53
C TYR A 66 11.58 -14.20 6.72
N ILE A 67 11.96 -13.52 7.81
CA ILE A 67 12.08 -14.10 9.18
C ILE A 67 11.38 -13.14 10.14
N GLY A 68 10.30 -13.58 10.79
CA GLY A 68 9.68 -12.89 11.93
C GLY A 68 10.34 -13.32 13.23
N VAL A 69 10.87 -12.38 13.99
CA VAL A 69 11.50 -12.65 15.32
C VAL A 69 10.62 -12.01 16.41
N ASP A 70 10.16 -12.83 17.36
CA ASP A 70 9.34 -12.36 18.52
C ASP A 70 9.50 -13.35 19.67
N PRO A 71 9.69 -12.89 20.93
CA PRO A 71 9.78 -13.79 22.07
C PRO A 71 8.44 -14.35 22.60
N VAL A 72 7.30 -13.94 22.05
CA VAL A 72 5.94 -14.37 22.51
C VAL A 72 5.54 -15.62 21.73
N PRO A 73 5.47 -16.81 22.39
CA PRO A 73 5.10 -18.05 21.71
C PRO A 73 3.80 -18.00 20.91
N ARG A 74 2.73 -17.45 21.50
CA ARG A 74 1.37 -17.42 20.88
C ARG A 74 1.42 -16.61 19.58
N TYR A 75 2.30 -15.61 19.50
CA TYR A 75 2.49 -14.77 18.28
C TYR A 75 3.24 -15.56 17.20
N ILE A 76 4.24 -16.35 17.61
CA ILE A 76 5.02 -17.23 16.69
C ILE A 76 4.06 -18.27 16.11
N GLU A 77 3.27 -18.92 16.98
CA GLU A 77 2.27 -19.95 16.59
C GLU A 77 1.30 -19.36 15.55
N GLN A 78 0.80 -18.14 15.77
CA GLN A 78 -0.13 -17.43 14.86
C GLN A 78 0.51 -17.27 13.48
N GLY A 79 1.76 -16.75 13.45
CA GLY A 79 2.53 -16.53 12.22
C GLY A 79 2.77 -17.83 11.47
N ARG A 80 3.13 -18.90 12.19
CA ARG A 80 3.43 -20.22 11.60
C ARG A 80 2.15 -20.83 11.01
N ARG A 81 1.01 -20.68 11.69
CA ARG A 81 -0.30 -21.16 11.19
C ARG A 81 -0.59 -20.49 9.83
N THR A 82 -0.30 -19.19 9.70
CA THR A 82 -0.51 -18.39 8.47
C THR A 82 0.32 -18.98 7.31
N LEU A 83 1.57 -19.36 7.57
CA LEU A 83 2.50 -19.92 6.54
C LEU A 83 2.01 -21.29 6.09
N ARG A 84 1.63 -22.15 7.05
CA ARG A 84 1.05 -23.49 6.78
C ARG A 84 -0.23 -23.34 5.93
N GLU A 85 -1.09 -22.39 6.30
CA GLU A 85 -2.40 -22.13 5.64
C GLU A 85 -2.19 -21.91 4.14
N GLN A 86 -1.26 -21.01 3.76
CA GLN A 86 -1.00 -20.59 2.36
C GLN A 86 0.01 -21.55 1.69
N GLY A 87 0.56 -22.50 2.43
CA GLY A 87 1.50 -23.52 1.93
C GLY A 87 2.85 -22.93 1.54
N LEU A 88 3.24 -21.82 2.17
CA LEU A 88 4.52 -21.10 1.89
C LEU A 88 5.70 -21.94 2.38
N PRO A 89 6.80 -22.03 1.61
CA PRO A 89 7.96 -22.85 2.00
C PRO A 89 8.80 -22.21 3.12
N ALA A 90 9.33 -23.04 4.02
CA ALA A 90 10.16 -22.64 5.19
C ALA A 90 11.47 -21.98 4.72
N GLU A 91 12.01 -22.42 3.58
CA GLU A 91 13.30 -21.92 3.01
C GLU A 91 13.17 -20.45 2.59
N ARG A 92 11.94 -19.92 2.46
CA ARG A 92 11.69 -18.50 2.09
C ARG A 92 11.12 -17.72 3.28
N PHE A 93 10.22 -18.33 4.06
CA PHE A 93 9.48 -17.67 5.18
C PHE A 93 9.59 -18.52 6.45
N ARG A 94 10.15 -17.94 7.52
CA ARG A 94 10.33 -18.59 8.85
C ARG A 94 9.84 -17.66 9.96
N PHE A 95 9.58 -18.22 11.14
CA PHE A 95 9.45 -17.48 12.42
C PHE A 95 10.46 -18.05 13.42
N ILE A 96 11.08 -17.18 14.21
CA ILE A 96 12.04 -17.56 15.30
C ILE A 96 11.51 -16.97 16.61
N GLU A 97 11.22 -17.82 17.58
CA GLU A 97 10.87 -17.44 18.97
C GLU A 97 12.17 -17.07 19.69
N GLY A 98 12.41 -15.77 19.90
CA GLY A 98 13.61 -15.25 20.62
C GLY A 98 13.54 -13.75 20.79
N GLY A 99 14.51 -13.18 21.52
CA GLY A 99 14.64 -11.72 21.76
C GLY A 99 15.69 -11.10 20.87
N ALA A 100 15.54 -9.81 20.56
CA ALA A 100 16.53 -8.98 19.82
C ALA A 100 17.88 -9.00 20.55
N GLU A 101 17.86 -9.19 21.87
CA GLU A 101 19.06 -9.29 22.75
C GLU A 101 20.01 -10.39 22.23
N GLU A 102 19.48 -11.46 21.62
CA GLU A 102 20.27 -12.64 21.15
C GLU A 102 20.26 -12.73 19.62
N LEU A 103 20.03 -11.60 18.93
CA LEU A 103 19.99 -11.51 17.44
C LEU A 103 21.25 -12.15 16.84
N HIS A 104 22.41 -11.90 17.45
CA HIS A 104 23.75 -12.39 16.98
C HIS A 104 23.82 -13.92 17.07
N GLN A 105 23.06 -14.51 18.00
CA GLN A 105 22.96 -15.99 18.17
C GLN A 105 21.87 -16.54 17.24
N LEU A 106 20.79 -15.78 17.02
CA LEU A 106 19.62 -16.21 16.19
C LEU A 106 19.97 -16.18 14.71
N LEU A 107 20.83 -15.23 14.28
CA LEU A 107 21.15 -14.97 12.85
C LEU A 107 22.65 -15.08 12.62
N PRO A 108 23.26 -16.29 12.74
CA PRO A 108 24.67 -16.48 12.37
C PRO A 108 24.77 -16.42 10.84
N ARG A 109 25.89 -15.93 10.31
CA ARG A 109 26.07 -15.60 8.87
C ARG A 109 25.51 -16.74 7.99
N HIS A 110 25.99 -17.97 8.20
CA HIS A 110 25.70 -19.17 7.36
C HIS A 110 24.20 -19.40 7.18
N ALA A 111 23.39 -19.12 8.22
CA ALA A 111 21.93 -19.39 8.27
C ALA A 111 21.14 -18.45 7.35
N LEU A 112 21.77 -17.34 6.90
CA LEU A 112 21.11 -16.28 6.08
C LEU A 112 20.87 -16.80 4.65
N ALA A 113 21.95 -17.14 3.94
CA ALA A 113 21.97 -17.49 2.50
C ALA A 113 21.57 -16.26 1.67
N VAL A 114 21.92 -15.06 2.16
CA VAL A 114 21.78 -13.75 1.46
C VAL A 114 22.94 -12.87 1.90
N PRO A 115 23.61 -12.14 0.97
CA PRO A 115 24.67 -11.20 1.37
C PRO A 115 24.23 -10.29 2.51
N PRO A 116 25.13 -10.00 3.49
CA PRO A 116 24.80 -9.08 4.57
C PRO A 116 24.12 -7.79 4.12
N SER A 117 24.59 -7.19 3.02
CA SER A 117 24.15 -5.88 2.49
C SER A 117 22.69 -5.94 2.02
N ARG A 118 22.18 -7.14 1.68
CA ARG A 118 20.80 -7.33 1.17
C ARG A 118 19.87 -7.84 2.28
N CYS A 119 20.35 -7.84 3.54
CA CYS A 119 19.54 -8.12 4.75
C CYS A 119 19.12 -6.80 5.41
N LEU A 120 17.96 -6.78 6.04
CA LEU A 120 17.47 -5.63 6.85
C LEU A 120 16.78 -6.17 8.11
N LEU A 121 17.36 -5.89 9.28
CA LEU A 121 16.72 -6.09 10.61
C LEU A 121 15.77 -4.92 10.86
N PHE A 122 14.49 -5.10 10.54
CA PHE A 122 13.41 -4.08 10.64
C PHE A 122 12.65 -4.25 11.95
N PHE A 123 12.81 -3.30 12.87
CA PHE A 123 12.11 -3.25 14.18
C PHE A 123 10.87 -2.37 14.02
N PRO A 124 9.69 -2.92 13.68
CA PRO A 124 8.53 -2.09 13.35
C PRO A 124 7.81 -1.54 14.60
N PHE A 125 7.11 -0.42 14.43
CA PHE A 125 6.07 0.11 15.35
C PHE A 125 6.62 0.19 16.79
N ASN A 126 7.89 0.57 16.92
CA ASN A 126 8.57 0.89 18.21
C ASN A 126 8.72 -0.37 19.07
N SER A 127 8.94 -1.53 18.46
CA SER A 127 9.27 -2.80 19.18
C SER A 127 10.52 -2.58 20.03
N PHE A 128 11.51 -1.85 19.50
CA PHE A 128 12.80 -1.54 20.17
C PHE A 128 12.55 -0.81 21.50
N GLY A 129 11.56 0.09 21.54
CA GLY A 129 11.18 0.86 22.74
C GLY A 129 10.57 0.01 23.83
N ASN A 130 10.13 -1.21 23.53
CA ASN A 130 9.45 -2.11 24.50
C ASN A 130 10.42 -3.17 25.03
N MET A 131 11.70 -3.08 24.63
CA MET A 131 12.72 -4.09 24.97
C MET A 131 13.36 -3.72 26.31
N ARG A 132 13.57 -4.73 27.15
CA ARG A 132 14.08 -4.63 28.54
C ARG A 132 15.34 -3.76 28.58
N ASP A 133 16.38 -4.16 27.84
CA ASP A 133 17.72 -3.52 27.88
C ASP A 133 18.13 -3.10 26.47
N PRO A 134 17.95 -1.81 26.10
CA PRO A 134 18.34 -1.32 24.77
C PRO A 134 19.84 -1.50 24.50
N GLU A 135 20.67 -1.38 25.54
CA GLU A 135 22.16 -1.48 25.47
C GLU A 135 22.56 -2.89 24.99
N ARG A 136 21.85 -3.91 25.46
CA ARG A 136 22.01 -5.33 25.05
C ARG A 136 21.62 -5.51 23.58
N VAL A 137 20.49 -4.91 23.18
CA VAL A 137 19.97 -4.98 21.78
C VAL A 137 20.99 -4.33 20.85
N LEU A 138 21.50 -3.14 21.20
CA LEU A 138 22.49 -2.38 20.39
C LEU A 138 23.77 -3.21 20.25
N GLU A 139 24.25 -3.83 21.33
CA GLU A 139 25.45 -4.69 21.27
C GLU A 139 25.19 -5.88 20.34
N SER A 140 24.04 -6.54 20.51
CA SER A 140 23.62 -7.71 19.67
C SER A 140 23.62 -7.29 18.19
N LEU A 141 23.02 -6.14 17.88
CA LEU A 141 22.99 -5.52 16.51
C LEU A 141 24.42 -5.36 15.99
N SER A 142 25.31 -4.79 16.81
CA SER A 142 26.75 -4.56 16.50
C SER A 142 27.39 -5.88 16.05
N MET A 143 27.14 -6.96 16.78
CA MET A 143 27.78 -8.29 16.59
C MET A 143 27.20 -9.01 15.36
N THR A 144 25.94 -8.72 14.97
CA THR A 144 25.35 -9.24 13.70
C THR A 144 26.03 -8.52 12.54
N GLY A 145 26.29 -7.21 12.71
CA GLY A 145 26.87 -6.33 11.68
C GLY A 145 25.94 -6.14 10.49
N LEU A 146 24.64 -6.43 10.66
CA LEU A 146 23.65 -6.40 9.56
C LEU A 146 23.00 -5.03 9.49
N PRO A 147 22.59 -4.56 8.29
CA PRO A 147 21.80 -3.34 8.17
C PRO A 147 20.50 -3.43 8.98
N PHE A 148 20.04 -2.31 9.55
CA PHE A 148 18.82 -2.28 10.40
C PHE A 148 18.04 -0.99 10.19
N LEU A 149 16.75 -1.08 10.48
CA LEU A 149 15.76 0.02 10.46
C LEU A 149 14.96 -0.11 11.76
N ILE A 150 15.30 0.68 12.77
CA ILE A 150 14.57 0.75 14.06
C ILE A 150 13.54 1.87 13.94
N SER A 151 12.28 1.51 13.65
CA SER A 151 11.13 2.44 13.62
C SER A 151 10.72 2.77 15.06
N SER A 152 10.86 4.03 15.46
CA SER A 152 10.45 4.55 16.79
C SER A 152 9.85 5.95 16.62
N TYR A 153 9.70 6.68 17.72
CA TYR A 153 9.03 8.00 17.77
C TYR A 153 10.06 9.10 18.08
N ALA A 154 9.71 10.35 17.76
CA ALA A 154 10.41 11.56 18.26
C ALA A 154 10.02 11.76 19.73
N THR A 155 10.65 12.73 20.40
CA THR A 155 10.37 13.07 21.82
C THR A 155 9.93 14.54 21.92
N THR A 156 9.51 15.15 20.80
CA THR A 156 8.71 16.40 20.79
C THR A 156 7.41 16.14 21.57
N GLU A 157 6.83 17.18 22.18
CA GLU A 157 5.56 17.09 22.95
C GLU A 157 4.45 16.52 22.05
N ARG A 158 4.46 16.89 20.77
CA ARG A 158 3.48 16.44 19.74
C ARG A 158 3.58 14.92 19.55
N ALA A 159 4.80 14.39 19.41
CA ALA A 159 5.07 12.94 19.28
C ALA A 159 4.55 12.22 20.54
N THR A 160 4.83 12.77 21.72
CA THR A 160 4.38 12.21 23.03
C THR A 160 2.84 12.21 23.09
N GLN A 161 2.20 13.26 22.58
CA GLN A 161 0.72 13.41 22.59
C GLN A 161 0.08 12.40 21.62
N ALA A 162 0.73 12.13 20.48
CA ALA A 162 0.34 11.09 19.50
C ALA A 162 0.34 9.72 20.20
N ARG A 163 1.43 9.41 20.91
CA ARG A 163 1.63 8.14 21.65
C ARG A 163 0.61 8.02 22.79
N ALA A 164 0.38 9.12 23.53
CA ALA A 164 -0.61 9.18 24.64
C ALA A 164 -2.00 8.83 24.09
N ALA A 165 -2.41 9.48 23.00
CA ALA A 165 -3.72 9.28 22.33
C ALA A 165 -3.87 7.82 21.89
N TYR A 166 -2.77 7.16 21.51
CA TYR A 166 -2.73 5.76 21.01
C TYR A 166 -2.82 4.79 22.20
N TYR A 167 -1.90 4.94 23.17
CA TYR A 167 -1.79 4.04 24.35
C TYR A 167 -3.05 4.13 25.23
N ALA A 168 -3.62 5.32 25.40
CA ALA A 168 -4.78 5.58 26.30
C ALA A 168 -6.03 4.86 25.78
N GLN A 169 -6.11 4.62 24.47
CA GLN A 169 -7.25 3.90 23.83
C GLN A 169 -7.17 2.40 24.12
N CYS A 170 -6.05 1.92 24.68
CA CYS A 170 -5.87 0.52 25.15
C CYS A 170 -6.55 0.31 26.51
N GLN A 171 -6.82 1.40 27.24
CA GLN A 171 -7.67 1.45 28.45
C GLN A 171 -7.08 0.58 29.57
N TYR A 172 -5.76 0.66 29.78
CA TYR A 172 -5.03 -0.02 30.87
C TYR A 172 -5.41 0.65 32.21
N GLU A 173 -5.26 -0.07 33.32
CA GLU A 173 -5.69 0.32 34.69
C GLU A 173 -5.38 1.81 34.93
N TRP A 174 -4.16 2.23 34.60
CA TRP A 174 -3.75 3.65 34.48
C TRP A 174 -2.64 3.76 33.44
N LEU A 175 -2.35 4.98 32.99
CA LEU A 175 -1.30 5.30 31.98
C LEU A 175 -0.45 6.47 32.48
N GLU A 176 0.85 6.24 32.63
CA GLU A 176 1.84 7.26 33.05
C GLU A 176 2.77 7.56 31.87
N SER A 177 2.96 8.85 31.56
CA SER A 177 4.08 9.35 30.73
C SER A 177 5.08 10.07 31.63
N ALA A 178 6.37 9.80 31.44
CA ALA A 178 7.50 10.44 32.14
C ALA A 178 8.57 10.81 31.10
N CYS A 179 9.12 12.03 31.20
CA CYS A 179 10.30 12.48 30.41
C CYS A 179 11.51 12.51 31.34
N ASP A 180 12.58 11.79 30.96
CA ASP A 180 13.87 11.78 31.70
C ASP A 180 15.01 11.97 30.69
N GLU A 181 16.24 11.68 31.11
CA GLU A 181 17.48 11.94 30.35
C GLU A 181 17.55 11.03 29.11
N ARG A 182 16.87 9.88 29.12
CA ARG A 182 16.93 8.86 28.04
C ARG A 182 15.85 9.13 26.99
N GLY A 183 14.61 9.42 27.41
CA GLY A 183 13.49 9.68 26.47
C GLY A 183 12.16 9.83 27.17
N VAL A 184 11.07 9.44 26.49
CA VAL A 184 9.67 9.55 26.97
C VAL A 184 9.13 8.13 27.19
N ARG A 185 8.85 7.80 28.46
CA ARG A 185 8.47 6.44 28.91
C ARG A 185 6.96 6.42 29.22
N PHE A 186 6.23 5.48 28.61
CA PHE A 186 4.83 5.16 28.96
C PHE A 186 4.81 3.81 29.70
N ARG A 187 4.16 3.76 30.85
CA ARG A 187 4.01 2.54 31.69
C ARG A 187 2.54 2.32 32.04
N ALA A 188 2.15 1.05 32.18
CA ALA A 188 0.84 0.61 32.73
C ALA A 188 1.07 -0.65 33.56
N PRO A 189 0.33 -0.84 34.67
CA PRO A 189 0.64 -1.89 35.63
C PRO A 189 0.36 -3.32 35.11
N GLU A 190 -0.27 -3.44 33.94
CA GLU A 190 -0.45 -4.71 33.20
C GLU A 190 0.92 -5.25 32.76
N GLY A 191 1.95 -4.40 32.73
CA GLY A 191 3.32 -4.75 32.31
C GLY A 191 3.72 -4.03 31.03
N PHE A 192 2.95 -3.01 30.62
CA PHE A 192 3.29 -2.07 29.52
C PHE A 192 4.43 -1.15 29.98
N ASP A 193 5.49 -1.09 29.19
CA ASP A 193 6.66 -0.20 29.40
C ASP A 193 7.28 0.11 28.04
N ALA A 194 6.94 1.27 27.46
CA ALA A 194 7.27 1.66 26.07
C ALA A 194 8.04 2.98 26.10
N MET A 195 9.28 2.95 25.60
CA MET A 195 10.20 4.11 25.53
C MET A 195 10.27 4.62 24.09
N ALA A 196 10.40 5.94 23.94
CA ALA A 196 10.95 6.64 22.77
C ALA A 196 12.16 7.42 23.25
N TYR A 197 13.35 7.10 22.74
CA TYR A 197 14.64 7.68 23.19
C TYR A 197 14.87 9.00 22.45
N HIS A 198 15.26 10.04 23.20
CA HIS A 198 15.71 11.35 22.65
C HIS A 198 16.73 11.07 21.55
N VAL A 199 16.64 11.76 20.42
CA VAL A 199 17.64 11.66 19.32
C VAL A 199 19.04 11.92 19.91
N GLU A 200 19.14 12.87 20.84
CA GLU A 200 20.41 13.34 21.47
C GLU A 200 20.98 12.27 22.42
N TYR A 201 20.14 11.45 23.04
CA TYR A 201 20.58 10.37 23.96
C TYR A 201 21.00 9.13 23.16
N LEU A 202 20.16 8.66 22.22
CA LEU A 202 20.35 7.34 21.57
C LEU A 202 21.47 7.37 20.53
N GLU A 203 21.63 8.47 19.77
CA GLU A 203 22.64 8.53 18.67
C GLU A 203 24.03 8.24 19.24
N PRO A 204 24.47 8.90 20.34
CA PRO A 204 25.74 8.52 20.99
C PRO A 204 25.84 7.05 21.42
N ARG A 205 24.74 6.43 21.88
CA ARG A 205 24.74 5.00 22.27
C ARG A 205 25.02 4.15 21.02
N MET A 206 24.39 4.50 19.89
CA MET A 206 24.56 3.81 18.58
C MET A 206 26.04 3.82 18.19
N ARG A 207 26.65 5.01 18.17
CA ARG A 207 28.07 5.23 17.74
C ARG A 207 29.02 4.48 18.69
N ARG A 208 28.69 4.43 19.99
CA ARG A 208 29.52 3.75 21.02
C ARG A 208 29.66 2.26 20.67
N TYR A 209 28.68 1.67 20.00
CA TYR A 209 28.67 0.24 19.56
C TYR A 209 29.08 0.13 18.09
N GLY A 210 29.53 1.25 17.48
CA GLY A 210 30.13 1.28 16.14
C GLY A 210 29.08 1.29 15.03
N LEU A 211 27.83 1.58 15.37
CA LEU A 211 26.70 1.59 14.41
C LEU A 211 26.67 2.96 13.72
N GLU A 212 26.91 2.97 12.41
CA GLU A 212 26.87 4.20 11.57
C GLU A 212 25.40 4.49 11.22
N VAL A 213 24.66 5.00 12.20
CA VAL A 213 23.19 5.23 12.12
C VAL A 213 22.92 6.66 11.64
N ARG A 214 21.78 6.86 10.97
CA ARG A 214 21.15 8.18 10.72
C ARG A 214 19.75 8.15 11.33
N PRO A 215 19.39 9.11 12.20
CA PRO A 215 18.00 9.26 12.65
C PRO A 215 17.16 10.05 11.63
N ILE A 216 16.39 9.34 10.81
CA ILE A 216 15.56 9.94 9.72
C ILE A 216 14.17 10.23 10.29
N PRO A 217 13.77 11.52 10.43
CA PRO A 217 12.42 11.85 10.88
C PRO A 217 11.40 11.55 9.76
N PHE A 218 10.25 10.99 10.11
CA PHE A 218 9.18 10.63 9.15
C PHE A 218 7.80 10.77 9.81
N ALA A 219 6.81 11.15 8.99
CA ALA A 219 5.37 11.25 9.35
C ALA A 219 5.20 12.05 10.65
N ASP A 220 5.95 13.14 10.81
CA ASP A 220 5.73 14.17 11.86
C ASP A 220 6.17 13.69 13.25
N VAL A 221 5.88 12.43 13.61
CA VAL A 221 6.04 11.90 15.00
C VAL A 221 7.03 10.74 15.03
N GLY A 222 7.53 10.29 13.88
CA GLY A 222 8.44 9.13 13.77
C GLY A 222 9.88 9.56 13.59
N VAL A 223 10.82 8.74 14.08
CA VAL A 223 12.25 8.77 13.64
C VAL A 223 12.67 7.32 13.38
N ALA A 224 13.26 7.10 12.20
CA ALA A 224 13.79 5.82 11.72
C ALA A 224 15.30 5.79 11.90
N TRP A 225 15.77 4.98 12.85
CA TRP A 225 17.21 4.74 13.12
C TRP A 225 17.74 3.74 12.08
N CYS A 226 18.39 4.25 11.04
CA CYS A 226 18.72 3.53 9.79
C CYS A 226 20.25 3.37 9.66
N ALA A 227 20.72 2.13 9.53
CA ALA A 227 22.14 1.78 9.34
C ALA A 227 22.28 0.73 8.23
N GLY A 228 23.22 0.94 7.31
CA GLY A 228 23.55 0.01 6.21
C GLY A 228 23.67 0.74 4.88
N PRO A 229 24.27 0.09 3.85
CA PRO A 229 24.56 0.76 2.58
C PRO A 229 23.33 1.18 1.77
N MET A 230 22.14 0.59 2.02
CA MET A 230 20.89 0.96 1.30
C MET A 230 20.40 2.34 1.76
N PHE A 231 20.97 2.90 2.83
CA PHE A 231 20.63 4.22 3.40
C PHE A 231 21.69 5.27 3.01
N GLU A 232 22.59 4.95 2.07
CA GLU A 232 23.55 5.92 1.46
C GLU A 232 22.76 7.05 0.80
N SER B 1 -4.69 2.46 -27.05
CA SER B 1 -5.56 3.34 -27.90
C SER B 1 -4.89 4.71 -28.06
N THR B 2 -4.89 5.26 -29.28
CA THR B 2 -4.28 6.59 -29.57
C THR B 2 -5.18 7.70 -28.99
N LEU B 3 -4.61 8.88 -28.79
CA LEU B 3 -5.35 10.10 -28.35
C LEU B 3 -6.39 10.46 -29.42
N ASP B 4 -5.98 10.42 -30.70
CA ASP B 4 -6.81 10.81 -31.87
C ASP B 4 -8.04 9.90 -31.96
N PHE B 5 -7.95 8.62 -31.58
CA PHE B 5 -9.08 7.67 -31.52
C PHE B 5 -10.27 8.32 -30.79
N TYR B 6 -9.99 8.98 -29.66
CA TYR B 6 -10.99 9.62 -28.78
C TYR B 6 -11.31 11.04 -29.27
N ALA B 7 -10.28 11.83 -29.57
CA ALA B 7 -10.40 13.25 -29.99
C ALA B 7 -11.27 13.33 -31.26
N GLN B 8 -11.04 12.45 -32.23
CA GLN B 8 -11.79 12.41 -33.52
C GLN B 8 -13.15 11.73 -33.31
N GLY B 9 -13.36 11.08 -32.15
CA GLY B 9 -14.71 10.71 -31.66
C GLY B 9 -15.02 9.23 -31.79
N GLN B 10 -14.15 8.42 -32.39
CA GLN B 10 -14.42 6.98 -32.63
C GLN B 10 -14.62 6.24 -31.30
N GLY B 11 -13.83 6.61 -30.28
CA GLY B 11 -13.86 5.99 -28.93
C GLY B 11 -15.15 6.30 -28.17
N ASP B 12 -15.93 7.29 -28.61
CA ASP B 12 -17.22 7.66 -27.98
C ASP B 12 -18.19 6.46 -28.02
N ARG B 13 -18.12 5.65 -29.06
CA ARG B 13 -19.09 4.55 -29.33
C ARG B 13 -18.99 3.49 -28.22
N LEU B 14 -17.86 3.41 -27.53
CA LEU B 14 -17.58 2.37 -26.49
C LEU B 14 -18.43 2.56 -25.23
N ILE B 15 -19.09 3.71 -25.03
CA ILE B 15 -19.97 3.95 -23.85
C ILE B 15 -21.45 3.99 -24.27
N ASP B 16 -21.77 3.67 -25.52
CA ASP B 16 -23.18 3.55 -25.99
C ASP B 16 -23.78 2.27 -25.39
N PRO B 17 -24.77 2.37 -24.46
CA PRO B 17 -25.36 1.19 -23.82
C PRO B 17 -26.03 0.22 -24.81
N ALA B 18 -26.51 0.73 -25.94
CA ALA B 18 -27.18 -0.03 -27.02
C ALA B 18 -26.22 -1.06 -27.64
N ARG B 19 -24.92 -0.92 -27.38
CA ARG B 19 -23.86 -1.77 -28.00
C ARG B 19 -23.30 -2.76 -26.97
N PHE B 20 -23.86 -2.80 -25.75
CA PHE B 20 -23.38 -3.64 -24.63
C PHE B 20 -24.11 -4.98 -24.63
N PRO B 21 -23.39 -6.13 -24.74
CA PRO B 21 -23.99 -7.43 -24.43
C PRO B 21 -24.26 -7.58 -22.93
N ALA B 22 -25.03 -8.61 -22.58
CA ALA B 22 -25.43 -8.96 -21.19
C ALA B 22 -24.20 -8.96 -20.27
N GLU B 23 -23.12 -9.58 -20.72
CA GLU B 23 -21.86 -9.77 -19.95
C GLU B 23 -21.24 -8.41 -19.60
N ILE B 24 -21.28 -7.44 -20.53
CA ILE B 24 -20.70 -6.08 -20.31
C ILE B 24 -21.61 -5.28 -19.36
N LYS B 25 -22.92 -5.48 -19.40
CA LYS B 25 -23.87 -4.80 -18.47
C LYS B 25 -23.70 -5.36 -17.05
N ALA B 26 -23.50 -6.69 -16.92
CA ALA B 26 -23.19 -7.37 -15.64
C ALA B 26 -21.85 -6.86 -15.12
N PHE B 27 -20.85 -6.76 -16.01
CA PHE B 27 -19.50 -6.19 -15.71
C PHE B 27 -19.69 -4.79 -15.08
N LEU B 28 -20.46 -3.93 -15.73
CA LEU B 28 -20.68 -2.52 -15.28
C LEU B 28 -21.44 -2.50 -13.94
N GLU B 29 -22.36 -3.44 -13.72
CA GLU B 29 -23.07 -3.59 -12.42
C GLU B 29 -22.07 -4.06 -11.36
N GLY B 30 -21.31 -5.13 -11.64
CA GLY B 30 -20.31 -5.70 -10.72
C GLY B 30 -19.26 -4.67 -10.34
N GLU B 31 -18.85 -3.84 -11.30
CA GLU B 31 -17.92 -2.70 -11.10
C GLU B 31 -18.47 -1.78 -10.00
N ARG B 32 -19.76 -1.43 -10.12
CA ARG B 32 -20.44 -0.47 -9.19
C ARG B 32 -20.63 -1.12 -7.81
N VAL B 33 -20.95 -2.43 -7.77
CA VAL B 33 -21.12 -3.20 -6.50
C VAL B 33 -19.81 -3.11 -5.71
N LEU B 34 -18.67 -3.37 -6.37
CA LEU B 34 -17.33 -3.33 -5.73
C LEU B 34 -17.03 -1.91 -5.22
N LEU B 35 -17.34 -0.89 -6.01
CA LEU B 35 -17.11 0.54 -5.65
C LEU B 35 -17.94 0.88 -4.41
N ASP B 36 -19.25 0.59 -4.45
CA ASP B 36 -20.21 0.79 -3.33
C ASP B 36 -19.72 0.06 -2.07
N SER B 37 -19.10 -1.12 -2.23
CA SER B 37 -18.67 -2.00 -1.11
C SER B 37 -17.56 -1.33 -0.27
N VAL B 38 -16.81 -0.38 -0.85
CA VAL B 38 -15.66 0.29 -0.17
C VAL B 38 -15.96 1.80 0.02
N ALA B 39 -17.15 2.25 -0.41
CA ALA B 39 -17.53 3.68 -0.50
C ALA B 39 -17.33 4.38 0.86
N GLU B 40 -17.74 3.71 1.95
CA GLU B 40 -17.68 4.25 3.34
C GLU B 40 -16.25 4.67 3.69
N HIS B 41 -15.23 4.02 3.11
CA HIS B 41 -13.79 4.27 3.40
C HIS B 41 -13.22 5.36 2.49
N VAL B 42 -13.94 5.72 1.42
CA VAL B 42 -13.51 6.72 0.40
C VAL B 42 -14.11 8.09 0.74
N GLU B 43 -13.28 9.15 0.72
CA GLU B 43 -13.70 10.57 0.81
C GLU B 43 -13.46 11.28 -0.52
N LEU B 44 -12.40 10.88 -1.23
CA LEU B 44 -12.04 11.40 -2.58
C LEU B 44 -11.99 10.25 -3.57
N LEU B 45 -12.82 10.30 -4.61
CA LEU B 45 -12.71 9.43 -5.81
C LEU B 45 -11.89 10.17 -6.86
N VAL B 46 -10.79 9.56 -7.32
CA VAL B 46 -10.04 9.98 -8.54
C VAL B 46 -10.42 9.00 -9.65
N GLU B 47 -11.24 9.43 -10.61
CA GLU B 47 -11.68 8.63 -11.77
C GLU B 47 -10.63 8.78 -12.88
N VAL B 48 -9.75 7.79 -13.02
CA VAL B 48 -8.61 7.80 -13.97
C VAL B 48 -9.10 7.19 -15.29
N GLY B 49 -9.25 8.04 -16.32
CA GLY B 49 -9.97 7.73 -17.56
C GLY B 49 -11.45 8.03 -17.39
N SER B 50 -11.75 9.25 -16.94
CA SER B 50 -13.10 9.71 -16.53
C SER B 50 -14.02 9.89 -17.74
N MET B 51 -13.45 10.19 -18.90
CA MET B 51 -14.18 10.82 -20.04
C MET B 51 -14.86 12.08 -19.50
N HIS B 52 -16.13 12.34 -19.84
CA HIS B 52 -16.94 13.50 -19.37
C HIS B 52 -17.17 13.42 -17.85
N GLY B 53 -16.86 12.29 -17.22
CA GLY B 53 -17.07 12.07 -15.77
C GLY B 53 -18.17 11.06 -15.53
N GLN B 54 -17.90 9.79 -15.83
CA GLN B 54 -18.89 8.67 -15.78
C GLN B 54 -19.30 8.37 -14.34
N HIS B 55 -18.49 8.76 -13.36
CA HIS B 55 -18.70 8.51 -11.91
C HIS B 55 -18.70 9.82 -11.11
N LEU B 56 -18.91 10.96 -11.78
CA LEU B 56 -19.13 12.28 -11.13
C LEU B 56 -20.45 12.24 -10.36
N GLY B 57 -21.53 11.77 -11.00
CA GLY B 57 -22.87 11.61 -10.40
C GLY B 57 -22.80 10.81 -9.11
N TRP B 58 -22.06 9.69 -9.13
CA TRP B 58 -21.84 8.80 -7.96
C TRP B 58 -21.26 9.62 -6.79
N ALA B 59 -20.20 10.39 -7.06
CA ALA B 59 -19.47 11.22 -6.07
C ALA B 59 -20.40 12.30 -5.51
N ILE B 60 -21.20 12.91 -6.38
CA ILE B 60 -22.24 13.94 -6.02
C ILE B 60 -23.25 13.31 -5.07
N ALA B 61 -23.76 12.12 -5.41
CA ALA B 61 -24.84 11.40 -4.69
C ALA B 61 -24.34 10.93 -3.31
N ARG B 62 -23.06 10.55 -3.19
CA ARG B 62 -22.48 9.92 -1.98
C ARG B 62 -21.67 10.94 -1.16
N GLY B 63 -21.69 12.22 -1.55
CA GLY B 63 -21.03 13.33 -0.82
C GLY B 63 -19.52 13.18 -0.81
N LYS B 64 -18.93 12.70 -1.91
CA LYS B 64 -17.46 12.50 -2.05
C LYS B 64 -16.83 13.73 -2.72
N HIS B 65 -15.56 13.98 -2.43
CA HIS B 65 -14.66 14.80 -3.30
C HIS B 65 -14.46 14.01 -4.59
N TYR B 66 -14.33 14.69 -5.74
CA TYR B 66 -14.15 14.06 -7.06
C TYR B 66 -13.04 14.78 -7.83
N ILE B 67 -12.14 14.00 -8.45
CA ILE B 67 -11.16 14.48 -9.46
C ILE B 67 -11.21 13.52 -10.65
N GLY B 68 -11.67 13.99 -11.81
CA GLY B 68 -11.67 13.23 -13.07
C GLY B 68 -10.39 13.49 -13.86
N VAL B 69 -9.66 12.44 -14.20
CA VAL B 69 -8.41 12.52 -15.02
C VAL B 69 -8.68 11.89 -16.39
N ASP B 70 -8.36 12.61 -17.46
CA ASP B 70 -8.48 12.12 -18.85
C ASP B 70 -7.60 12.98 -19.75
N PRO B 71 -6.80 12.40 -20.67
CA PRO B 71 -5.96 13.19 -21.57
C PRO B 71 -6.69 13.84 -22.74
N VAL B 72 -7.97 13.49 -22.96
CA VAL B 72 -8.80 13.96 -24.12
C VAL B 72 -9.42 15.31 -23.76
N PRO B 73 -8.95 16.43 -24.37
CA PRO B 73 -9.45 17.77 -24.02
C PRO B 73 -10.98 17.92 -24.07
N ARG B 74 -11.63 17.36 -25.09
CA ARG B 74 -13.10 17.47 -25.30
C ARG B 74 -13.82 16.88 -24.07
N TYR B 75 -13.40 15.69 -23.62
CA TYR B 75 -13.95 15.01 -22.42
C TYR B 75 -13.80 15.93 -21.20
N ILE B 76 -12.62 16.52 -21.00
CA ILE B 76 -12.32 17.43 -19.86
C ILE B 76 -13.20 18.67 -19.95
N GLU B 77 -13.38 19.21 -21.17
CA GLU B 77 -14.24 20.38 -21.48
C GLU B 77 -15.69 20.05 -21.07
N GLN B 78 -16.19 18.88 -21.48
CA GLN B 78 -17.56 18.41 -21.17
C GLN B 78 -17.74 18.29 -19.65
N GLY B 79 -16.79 17.63 -18.96
CA GLY B 79 -16.80 17.45 -17.51
C GLY B 79 -16.90 18.78 -16.78
N ARG B 80 -16.05 19.74 -17.17
CA ARG B 80 -15.98 21.10 -16.58
C ARG B 80 -17.27 21.87 -16.90
N ARG B 81 -17.92 21.56 -18.03
CA ARG B 81 -19.23 22.14 -18.42
C ARG B 81 -20.28 21.69 -17.38
N THR B 82 -20.28 20.40 -17.03
CA THR B 82 -21.20 19.80 -16.02
C THR B 82 -20.99 20.48 -14.66
N LEU B 83 -19.73 20.67 -14.25
CA LEU B 83 -19.36 21.31 -12.95
C LEU B 83 -19.88 22.76 -12.92
N ARG B 84 -19.73 23.50 -14.01
CA ARG B 84 -20.22 24.91 -14.12
C ARG B 84 -21.76 24.90 -14.09
N GLU B 85 -22.39 24.03 -14.88
CA GLU B 85 -23.87 23.85 -14.95
C GLU B 85 -24.43 23.58 -13.55
N GLN B 86 -23.74 22.74 -12.76
CA GLN B 86 -24.24 22.22 -11.44
C GLN B 86 -23.77 23.13 -10.30
N GLY B 87 -22.91 24.11 -10.58
CA GLY B 87 -22.42 25.10 -9.61
C GLY B 87 -21.60 24.48 -8.49
N LEU B 88 -20.80 23.45 -8.81
CA LEU B 88 -20.03 22.64 -7.82
C LEU B 88 -18.69 23.34 -7.52
N PRO B 89 -18.26 23.39 -6.23
CA PRO B 89 -17.08 24.15 -5.84
C PRO B 89 -15.75 23.45 -6.18
N ALA B 90 -14.73 24.26 -6.52
CA ALA B 90 -13.40 23.86 -7.03
C ALA B 90 -12.70 22.91 -6.05
N GLU B 91 -12.82 23.16 -4.75
CA GLU B 91 -12.07 22.44 -3.69
C GLU B 91 -12.61 21.02 -3.52
N ARG B 92 -13.85 20.73 -3.97
CA ARG B 92 -14.48 19.40 -3.83
C ARG B 92 -14.58 18.68 -5.19
N PHE B 93 -14.77 19.39 -6.30
CA PHE B 93 -15.03 18.83 -7.65
C PHE B 93 -14.10 19.47 -8.68
N ARG B 94 -13.24 18.65 -9.31
CA ARG B 94 -12.20 19.06 -10.29
C ARG B 94 -12.18 18.10 -11.49
N PHE B 95 -11.59 18.56 -12.59
CA PHE B 95 -11.10 17.72 -13.71
C PHE B 95 -9.65 18.11 -14.00
N ILE B 96 -8.80 17.13 -14.28
CA ILE B 96 -7.37 17.34 -14.65
C ILE B 96 -7.15 16.74 -16.04
N GLU B 97 -6.59 17.53 -16.95
CA GLU B 97 -6.22 17.13 -18.33
C GLU B 97 -4.83 16.50 -18.27
N GLY B 98 -4.74 15.19 -18.49
CA GLY B 98 -3.46 14.43 -18.45
C GLY B 98 -3.71 12.93 -18.40
N GLY B 99 -2.64 12.15 -18.45
CA GLY B 99 -2.68 10.67 -18.47
C GLY B 99 -2.30 10.09 -17.12
N ALA B 100 -2.73 8.86 -16.86
CA ALA B 100 -2.38 8.05 -15.67
C ALA B 100 -0.87 7.94 -15.52
N GLU B 101 -0.13 8.01 -16.64
CA GLU B 101 1.35 7.89 -16.70
C GLU B 101 2.03 8.96 -15.81
N GLU B 102 1.32 10.04 -15.47
CA GLU B 102 1.88 11.20 -14.72
C GLU B 102 0.95 11.62 -13.57
N LEU B 103 0.19 10.68 -12.99
CA LEU B 103 -0.69 10.95 -11.83
C LEU B 103 0.12 11.56 -10.69
N HIS B 104 1.32 11.06 -10.44
CA HIS B 104 2.26 11.53 -9.39
C HIS B 104 2.62 13.01 -9.63
N GLN B 105 2.66 13.45 -10.89
CA GLN B 105 2.90 14.86 -11.29
C GLN B 105 1.61 15.67 -11.11
N LEU B 106 0.47 15.12 -11.57
CA LEU B 106 -0.86 15.78 -11.59
C LEU B 106 -1.41 15.92 -10.18
N LEU B 107 -1.13 14.96 -9.29
CA LEU B 107 -1.67 14.91 -7.89
C LEU B 107 -0.53 15.00 -6.87
N PRO B 108 0.11 16.17 -6.68
CA PRO B 108 1.06 16.34 -5.58
C PRO B 108 0.35 16.07 -4.24
N ARG B 109 1.00 15.35 -3.32
CA ARG B 109 0.41 14.94 -2.02
C ARG B 109 -0.21 16.14 -1.31
N HIS B 110 0.47 17.29 -1.29
CA HIS B 110 0.03 18.50 -0.56
C HIS B 110 -1.16 19.17 -1.25
N ALA B 111 -1.48 18.78 -2.49
CA ALA B 111 -2.63 19.28 -3.28
C ALA B 111 -3.91 18.51 -2.92
N LEU B 112 -3.78 17.33 -2.29
CA LEU B 112 -4.94 16.47 -1.90
C LEU B 112 -5.66 17.11 -0.71
N ALA B 113 -6.99 17.21 -0.78
CA ALA B 113 -7.87 17.79 0.26
C ALA B 113 -8.06 16.77 1.40
N VAL B 114 -7.88 15.47 1.14
CA VAL B 114 -8.05 14.37 2.15
C VAL B 114 -6.77 13.53 2.20
N PRO B 115 -6.52 12.82 3.32
CA PRO B 115 -5.34 11.97 3.44
C PRO B 115 -5.27 10.86 2.40
N PRO B 116 -4.05 10.39 2.04
CA PRO B 116 -3.87 9.38 0.99
C PRO B 116 -4.74 8.12 1.15
N SER B 117 -4.92 7.63 2.38
CA SER B 117 -5.68 6.41 2.71
C SER B 117 -7.18 6.59 2.40
N ARG B 118 -7.67 7.82 2.31
CA ARG B 118 -9.11 8.13 2.05
C ARG B 118 -9.32 8.46 0.56
N CYS B 119 -8.28 8.31 -0.27
CA CYS B 119 -8.33 8.46 -1.75
C CYS B 119 -8.50 7.09 -2.40
N LEU B 120 -9.12 7.07 -3.58
CA LEU B 120 -9.21 5.86 -4.46
C LEU B 120 -8.97 6.28 -5.91
N LEU B 121 -7.86 5.83 -6.50
CA LEU B 121 -7.60 5.93 -7.95
C LEU B 121 -8.42 4.82 -8.64
N PHE B 122 -9.60 5.19 -9.15
CA PHE B 122 -10.54 4.28 -9.84
C PHE B 122 -10.31 4.39 -11.35
N PHE B 123 -9.87 3.29 -11.98
CA PHE B 123 -9.68 3.16 -13.45
C PHE B 123 -10.88 2.40 -14.01
N PRO B 124 -11.97 3.09 -14.41
CA PRO B 124 -13.21 2.41 -14.78
C PRO B 124 -13.17 1.81 -16.20
N PHE B 125 -13.87 0.69 -16.39
CA PHE B 125 -14.27 0.14 -17.71
C PHE B 125 -13.03 -0.08 -18.59
N ASN B 126 -11.95 -0.57 -18.00
CA ASN B 126 -10.71 -1.02 -18.69
C ASN B 126 -10.00 0.16 -19.36
N SER B 127 -10.07 1.34 -18.76
CA SER B 127 -9.27 2.53 -19.19
C SER B 127 -7.78 2.14 -19.19
N PHE B 128 -7.36 1.40 -18.17
CA PHE B 128 -5.96 0.92 -17.95
C PHE B 128 -5.45 0.16 -19.18
N GLY B 129 -6.29 -0.73 -19.73
CA GLY B 129 -5.98 -1.56 -20.92
C GLY B 129 -5.82 -0.75 -22.20
N ASN B 130 -6.19 0.53 -22.19
CA ASN B 130 -6.15 1.42 -23.38
C ASN B 130 -5.00 2.42 -23.25
N MET B 131 -4.18 2.29 -22.21
CA MET B 131 -3.04 3.21 -21.94
C MET B 131 -1.78 2.67 -22.63
N ARG B 132 -1.00 3.55 -23.26
CA ARG B 132 0.11 3.21 -24.19
C ARG B 132 1.25 2.55 -23.40
N ASP B 133 1.47 2.99 -22.16
CA ASP B 133 2.67 2.65 -21.35
C ASP B 133 2.24 2.16 -19.97
N PRO B 134 1.79 0.89 -19.86
CA PRO B 134 1.36 0.34 -18.56
C PRO B 134 2.46 0.39 -17.49
N GLU B 135 3.74 0.22 -17.88
CA GLU B 135 4.91 0.27 -16.97
C GLU B 135 4.96 1.64 -16.26
N ARG B 136 4.82 2.72 -17.03
CA ARG B 136 4.87 4.11 -16.51
C ARG B 136 3.66 4.36 -15.60
N VAL B 137 2.48 3.86 -15.99
CA VAL B 137 1.23 3.95 -15.17
C VAL B 137 1.48 3.26 -13.82
N LEU B 138 2.11 2.08 -13.82
CA LEU B 138 2.43 1.31 -12.59
C LEU B 138 3.51 2.06 -11.77
N GLU B 139 4.58 2.54 -12.44
CA GLU B 139 5.60 3.43 -11.83
C GLU B 139 4.88 4.59 -11.14
N SER B 140 3.98 5.27 -11.86
CA SER B 140 3.23 6.46 -11.38
C SER B 140 2.39 6.09 -10.15
N LEU B 141 1.64 4.99 -10.21
CA LEU B 141 0.79 4.47 -9.10
C LEU B 141 1.62 4.31 -7.82
N SER B 142 2.76 3.63 -7.91
CA SER B 142 3.62 3.33 -6.73
C SER B 142 4.20 4.63 -6.16
N MET B 143 4.46 5.62 -7.01
CA MET B 143 5.04 6.93 -6.60
C MET B 143 3.97 7.80 -5.92
N THR B 144 2.70 7.72 -6.36
CA THR B 144 1.55 8.37 -5.68
C THR B 144 1.36 7.72 -4.31
N GLY B 145 1.52 6.40 -4.22
CA GLY B 145 1.32 5.59 -3.00
C GLY B 145 -0.15 5.48 -2.62
N LEU B 146 -1.07 5.82 -3.54
CA LEU B 146 -2.53 5.96 -3.25
C LEU B 146 -3.23 4.62 -3.52
N PRO B 147 -4.26 4.28 -2.73
CA PRO B 147 -5.13 3.14 -3.04
C PRO B 147 -5.72 3.26 -4.45
N PHE B 148 -5.89 2.13 -5.14
CA PHE B 148 -6.41 2.07 -6.53
C PHE B 148 -7.29 0.83 -6.71
N LEU B 149 -8.21 0.96 -7.67
CA LEU B 149 -9.10 -0.11 -8.18
C LEU B 149 -9.06 -0.02 -9.71
N ILE B 150 -8.29 -0.90 -10.34
CA ILE B 150 -8.17 -0.97 -11.83
C ILE B 150 -9.19 -1.99 -12.33
N SER B 151 -10.31 -1.50 -12.87
CA SER B 151 -11.43 -2.32 -13.40
C SER B 151 -11.07 -2.78 -14.81
N SER B 152 -10.73 -4.05 -14.98
CA SER B 152 -10.33 -4.66 -16.27
C SER B 152 -11.06 -6.00 -16.44
N TYR B 153 -10.70 -6.75 -17.49
CA TYR B 153 -11.33 -8.03 -17.88
C TYR B 153 -10.40 -9.20 -17.58
N ALA B 154 -10.98 -10.38 -17.40
CA ALA B 154 -10.28 -11.68 -17.42
C ALA B 154 -9.84 -11.97 -18.87
N THR B 155 -8.89 -12.89 -19.05
CA THR B 155 -8.39 -13.32 -20.39
C THR B 155 -8.99 -14.69 -20.72
N THR B 156 -10.04 -15.09 -20.00
CA THR B 156 -10.85 -16.31 -20.28
C THR B 156 -11.54 -16.16 -21.63
N GLU B 157 -11.90 -17.29 -22.26
CA GLU B 157 -12.74 -17.36 -23.48
C GLU B 157 -14.01 -16.53 -23.29
N ARG B 158 -14.66 -16.68 -22.12
CA ARG B 158 -15.94 -16.03 -21.76
C ARG B 158 -15.81 -14.50 -21.82
N ALA B 159 -14.75 -13.94 -21.21
CA ALA B 159 -14.47 -12.48 -21.19
C ALA B 159 -14.07 -12.02 -22.60
N THR B 160 -13.29 -12.83 -23.32
CA THR B 160 -12.84 -12.53 -24.71
C THR B 160 -14.07 -12.51 -25.63
N GLN B 161 -14.99 -13.48 -25.47
CA GLN B 161 -16.26 -13.58 -26.24
C GLN B 161 -17.09 -12.30 -26.01
N ALA B 162 -17.25 -11.87 -24.76
CA ALA B 162 -18.04 -10.68 -24.37
C ALA B 162 -17.43 -9.42 -24.99
N ARG B 163 -16.10 -9.30 -24.94
CA ARG B 163 -15.34 -8.15 -25.48
C ARG B 163 -15.48 -8.11 -27.01
N ALA B 164 -15.37 -9.26 -27.67
CA ALA B 164 -15.56 -9.41 -29.14
C ALA B 164 -16.95 -8.88 -29.52
N ALA B 165 -17.99 -9.35 -28.84
CA ALA B 165 -19.40 -8.96 -29.04
C ALA B 165 -19.56 -7.44 -28.88
N TYR B 166 -18.97 -6.89 -27.82
CA TYR B 166 -19.07 -5.47 -27.41
C TYR B 166 -18.36 -4.59 -28.45
N TYR B 167 -17.07 -4.83 -28.68
CA TYR B 167 -16.21 -4.01 -29.59
C TYR B 167 -16.72 -4.10 -31.03
N ALA B 168 -17.23 -5.28 -31.44
CA ALA B 168 -17.83 -5.53 -32.77
C ALA B 168 -19.02 -4.60 -33.02
N GLN B 169 -19.82 -4.33 -31.98
CA GLN B 169 -21.05 -3.50 -32.08
C GLN B 169 -20.70 -2.01 -32.12
N CYS B 170 -19.42 -1.64 -31.96
CA CYS B 170 -18.90 -0.28 -32.25
C CYS B 170 -18.73 -0.10 -33.75
N GLN B 171 -18.76 -1.20 -34.52
CA GLN B 171 -18.76 -1.25 -36.00
C GLN B 171 -17.62 -0.40 -36.55
N TYR B 172 -16.39 -0.69 -36.13
CA TYR B 172 -15.14 -0.13 -36.71
C TYR B 172 -14.88 -0.80 -38.06
N GLU B 173 -13.97 -0.22 -38.86
CA GLU B 173 -13.62 -0.68 -40.23
C GLU B 173 -13.32 -2.17 -40.21
N TRP B 174 -12.49 -2.61 -39.27
CA TRP B 174 -12.30 -4.05 -38.91
C TRP B 174 -11.90 -4.16 -37.44
N LEU B 175 -12.08 -5.36 -36.88
CA LEU B 175 -11.71 -5.70 -35.48
C LEU B 175 -10.85 -6.96 -35.49
N GLU B 176 -9.73 -6.92 -34.75
CA GLU B 176 -8.77 -8.05 -34.60
C GLU B 176 -8.61 -8.35 -33.11
N SER B 177 -8.71 -9.63 -32.71
CA SER B 177 -8.24 -10.11 -31.38
C SER B 177 -6.90 -10.83 -31.56
N ALA B 178 -6.06 -10.79 -30.52
CA ALA B 178 -4.72 -11.42 -30.50
C ALA B 178 -4.36 -11.76 -29.05
N CYS B 179 -4.06 -13.02 -28.78
CA CYS B 179 -3.61 -13.52 -27.45
C CYS B 179 -2.11 -13.80 -27.49
N ASP B 180 -1.36 -13.22 -26.55
CA ASP B 180 0.12 -13.39 -26.41
C ASP B 180 0.44 -13.60 -24.92
N GLU B 181 1.71 -13.46 -24.55
CA GLU B 181 2.21 -13.64 -23.16
C GLU B 181 1.60 -12.59 -22.22
N ARG B 182 1.30 -11.39 -22.74
CA ARG B 182 0.86 -10.21 -21.96
C ARG B 182 -0.64 -10.31 -21.63
N GLY B 183 -1.46 -10.72 -22.62
CA GLY B 183 -2.92 -10.85 -22.45
C GLY B 183 -3.64 -10.96 -23.78
N VAL B 184 -4.93 -10.57 -23.81
CA VAL B 184 -5.81 -10.58 -25.01
C VAL B 184 -5.96 -9.14 -25.51
N ARG B 185 -5.54 -8.88 -26.75
CA ARG B 185 -5.50 -7.53 -27.36
C ARG B 185 -6.59 -7.44 -28.43
N PHE B 186 -7.32 -6.33 -28.48
CA PHE B 186 -8.24 -5.96 -29.59
C PHE B 186 -7.75 -4.66 -30.25
N ARG B 187 -7.77 -4.60 -31.58
CA ARG B 187 -7.31 -3.43 -32.37
C ARG B 187 -8.29 -3.14 -33.51
N ALA B 188 -8.49 -1.86 -33.84
CA ALA B 188 -9.20 -1.36 -35.04
C ALA B 188 -8.38 -0.21 -35.64
N PRO B 189 -8.41 -0.02 -36.98
CA PRO B 189 -7.49 0.92 -37.64
C PRO B 189 -7.75 2.39 -37.28
N GLU B 190 -8.91 2.70 -36.69
CA GLU B 190 -9.27 4.06 -36.20
C GLU B 190 -8.38 4.46 -35.01
N GLY B 191 -7.48 3.57 -34.56
CA GLY B 191 -6.54 3.81 -33.45
C GLY B 191 -7.02 3.19 -32.15
N PHE B 192 -7.93 2.21 -32.24
CA PHE B 192 -8.43 1.41 -31.09
C PHE B 192 -7.39 0.33 -30.76
N ASP B 193 -7.02 0.23 -29.48
CA ASP B 193 -6.02 -0.74 -28.96
C ASP B 193 -6.32 -0.96 -27.48
N ALA B 194 -7.06 -2.03 -27.17
CA ALA B 194 -7.56 -2.37 -25.82
C ALA B 194 -7.01 -3.72 -25.41
N MET B 195 -6.25 -3.75 -24.31
CA MET B 195 -5.62 -4.96 -23.73
C MET B 195 -6.39 -5.38 -22.49
N ALA B 196 -6.57 -6.69 -22.30
CA ALA B 196 -6.83 -7.32 -20.98
C ALA B 196 -5.63 -8.22 -20.67
N TYR B 197 -4.98 -8.01 -19.52
CA TYR B 197 -3.70 -8.68 -19.15
C TYR B 197 -3.99 -9.97 -18.39
N HIS B 198 -3.28 -11.04 -18.72
CA HIS B 198 -3.25 -12.32 -17.94
C HIS B 198 -2.85 -12.01 -16.51
N VAL B 199 -3.46 -12.69 -15.53
CA VAL B 199 -3.15 -12.53 -14.08
C VAL B 199 -1.68 -12.86 -13.85
N GLU B 200 -1.18 -13.91 -14.54
CA GLU B 200 0.19 -14.46 -14.36
C GLU B 200 1.23 -13.48 -14.93
N TYR B 201 0.82 -12.51 -15.77
CA TYR B 201 1.73 -11.48 -16.36
C TYR B 201 1.71 -10.22 -15.51
N LEU B 202 0.52 -9.68 -15.20
CA LEU B 202 0.36 -8.34 -14.58
C LEU B 202 0.66 -8.40 -13.08
N GLU B 203 0.27 -9.47 -12.38
CA GLU B 203 0.43 -9.58 -10.90
C GLU B 203 1.91 -9.46 -10.52
N PRO B 204 2.84 -10.24 -11.12
CA PRO B 204 4.27 -10.05 -10.87
C PRO B 204 4.75 -8.62 -11.17
N ARG B 205 4.31 -8.07 -12.31
CA ARG B 205 4.60 -6.68 -12.76
C ARG B 205 4.27 -5.68 -11.65
N MET B 206 3.02 -5.71 -11.16
CA MET B 206 2.51 -4.79 -10.12
C MET B 206 3.36 -4.92 -8.85
N ARG B 207 3.70 -6.16 -8.49
CA ARG B 207 4.48 -6.53 -7.28
C ARG B 207 5.88 -5.92 -7.34
N ARG B 208 6.50 -5.87 -8.52
CA ARG B 208 7.87 -5.34 -8.74
C ARG B 208 7.93 -3.85 -8.37
N TYR B 209 6.83 -3.11 -8.53
CA TYR B 209 6.71 -1.67 -8.18
C TYR B 209 6.17 -1.50 -6.75
N GLY B 210 6.10 -2.60 -5.99
CA GLY B 210 5.68 -2.61 -4.58
C GLY B 210 4.20 -2.35 -4.41
N LEU B 211 3.39 -2.63 -5.43
CA LEU B 211 1.91 -2.55 -5.37
C LEU B 211 1.38 -3.87 -4.80
N GLU B 212 0.88 -3.83 -3.57
CA GLU B 212 0.33 -5.02 -2.84
C GLU B 212 -1.09 -5.22 -3.35
N VAL B 213 -1.21 -5.74 -4.58
CA VAL B 213 -2.47 -5.82 -5.36
C VAL B 213 -3.10 -7.20 -5.11
N ARG B 214 -4.45 -7.25 -5.09
CA ARG B 214 -5.22 -8.51 -5.21
C ARG B 214 -6.07 -8.43 -6.48
N PRO B 215 -6.00 -9.45 -7.38
CA PRO B 215 -6.92 -9.54 -8.50
C PRO B 215 -8.24 -10.17 -8.04
N ILE B 216 -9.30 -9.35 -7.91
CA ILE B 216 -10.64 -9.78 -7.42
C ILE B 216 -11.55 -10.02 -8.62
N PRO B 217 -11.92 -11.29 -8.93
CA PRO B 217 -12.87 -11.58 -10.00
C PRO B 217 -14.28 -11.07 -9.64
N PHE B 218 -14.92 -10.35 -10.56
CA PHE B 218 -16.30 -9.84 -10.39
C PHE B 218 -17.08 -10.06 -11.69
N ALA B 219 -18.42 -10.11 -11.58
CA ALA B 219 -19.33 -10.58 -12.65
C ALA B 219 -18.79 -11.93 -13.14
N ASP B 220 -18.73 -12.16 -14.45
CA ASP B 220 -18.17 -13.41 -15.03
C ASP B 220 -16.91 -13.10 -15.86
N VAL B 221 -16.69 -11.83 -16.19
CA VAL B 221 -15.67 -11.40 -17.20
C VAL B 221 -14.73 -10.35 -16.60
N GLY B 222 -14.93 -9.94 -15.34
CA GLY B 222 -14.23 -8.82 -14.70
C GLY B 222 -13.10 -9.29 -13.80
N VAL B 223 -11.95 -8.62 -13.87
CA VAL B 223 -10.85 -8.68 -12.85
C VAL B 223 -10.63 -7.25 -12.36
N ALA B 224 -10.80 -7.04 -11.05
CA ALA B 224 -10.50 -5.78 -10.33
C ALA B 224 -9.13 -5.92 -9.66
N TRP B 225 -8.15 -5.16 -10.15
CA TRP B 225 -6.79 -5.04 -9.57
C TRP B 225 -6.82 -3.99 -8.46
N CYS B 226 -6.95 -4.45 -7.20
CA CYS B 226 -7.22 -3.62 -6.01
C CYS B 226 -6.02 -3.62 -5.06
N ALA B 227 -5.66 -2.43 -4.57
CA ALA B 227 -4.60 -2.21 -3.54
C ALA B 227 -5.02 -1.05 -2.63
N GLY B 228 -4.79 -1.21 -1.33
CA GLY B 228 -5.10 -0.20 -0.30
C GLY B 228 -5.81 -0.82 0.90
N PRO B 229 -5.92 -0.09 2.04
CA PRO B 229 -6.48 -0.66 3.27
C PRO B 229 -7.95 -1.08 3.17
N MET B 230 -8.76 -0.45 2.31
CA MET B 230 -10.22 -0.71 2.19
C MET B 230 -10.49 -2.03 1.46
N PHE B 231 -9.45 -2.75 1.01
CA PHE B 231 -9.56 -4.05 0.28
C PHE B 231 -9.01 -5.20 1.13
N GLU B 232 -8.83 -4.99 2.44
CA GLU B 232 -8.39 -6.04 3.40
C GLU B 232 -9.62 -6.78 3.92
#